data_4WN2
#
_entry.id   4WN2
#
_cell.length_a   89.509
_cell.length_b   89.509
_cell.length_c   43.053
_cell.angle_alpha   90.00
_cell.angle_beta   90.00
_cell.angle_gamma   120.00
#
_symmetry.space_group_name_H-M   'P 3'
#
loop_
_entity.id
_entity.type
_entity.pdbx_description
1 polymer 'Xyloside xylosyltransferase 1'
2 polymer 'Coagulation factor IX'
3 branched alpha-D-xylopyranose-(1-3)-alpha-D-xylopyranose-(1-3)-beta-D-glucopyranose
4 non-polymer 'MANGANESE (II) ION'
5 non-polymer "URIDINE-5'-DIPHOSPHATE"
6 non-polymer 'SULFATE ION'
7 water water
#
loop_
_entity_poly.entity_id
_entity_poly.type
_entity_poly.pdbx_seq_one_letter_code
_entity_poly.pdbx_strand_id
1 'polypeptide(L)'
;SLEGGVVVPVDYHLLMMFTKAEHNAPLQAKARVALSSLLRLAKFEAHEVLNLHFVSEEASREVAKALLRELLPPAAGFKC
KVIFHDVAVLTDKLFPVVEAMQKYFSAGSGTYYSDSIFFLSVAMHQIMPKEIPRIIQLDLDLKYKTNIRELFEEFDNFLP
GAVIGIAREMQPVYRHTFWQFRHENPKTRVGDPPPEGLPGFNSGVMLLNLEAMRQSPLYSHLLEPSWVQQLADKYHFRGH
LGDQDFFTMIGMEHPELFHVLDCTWNRQLCTWWRDHGYSDVFQAYFRCEGHVKIYHGNCNTPIPED
;
A
2 'polypeptide(L)' MDIVDGDQCESNPCLNGGSCKDDINSYECWCPFGFEGKNCELLEHHHHHH D
#
# COMPACT_ATOMS: atom_id res chain seq x y z
N VAL A 7 -30.35 -3.62 -19.87
CA VAL A 7 -29.63 -4.19 -18.74
C VAL A 7 -29.03 -3.11 -17.85
N VAL A 8 -29.02 -3.35 -16.56
CA VAL A 8 -28.50 -2.41 -15.59
C VAL A 8 -26.96 -2.49 -15.56
N PRO A 9 -26.28 -1.60 -16.24
CA PRO A 9 -24.79 -1.71 -16.29
C PRO A 9 -24.14 -1.62 -14.90
N VAL A 10 -23.19 -2.52 -14.64
CA VAL A 10 -22.54 -2.62 -13.34
C VAL A 10 -21.05 -2.33 -13.54
N ASP A 11 -20.55 -1.31 -12.84
CA ASP A 11 -19.14 -0.88 -12.99
C ASP A 11 -18.26 -1.47 -11.91
N TYR A 12 -17.05 -1.87 -12.31
CA TYR A 12 -15.97 -2.21 -11.38
C TYR A 12 -14.79 -1.24 -11.55
N HIS A 13 -14.20 -0.83 -10.42
CA HIS A 13 -13.18 0.22 -10.45
C HIS A 13 -11.87 -0.23 -9.82
N LEU A 14 -10.79 -0.08 -10.58
CA LEU A 14 -9.41 -0.30 -10.15
C LEU A 14 -8.65 1.03 -10.24
N LEU A 15 -7.67 1.26 -9.37
CA LEU A 15 -6.86 2.47 -9.49
C LEU A 15 -5.40 2.10 -9.31
N MET A 16 -4.57 2.62 -10.22
CA MET A 16 -3.13 2.42 -10.18
C MET A 16 -2.37 3.74 -10.30
N MET A 17 -1.34 3.89 -9.47
CA MET A 17 -0.41 4.99 -9.59
C MET A 17 0.52 4.72 -10.75
N PHE A 18 0.71 5.68 -11.64
CA PHE A 18 1.66 5.48 -12.75
C PHE A 18 2.28 6.81 -13.12
N THR A 19 3.34 7.18 -12.42
CA THR A 19 3.93 8.51 -12.48
C THR A 19 5.43 8.37 -12.77
N LYS A 20 6.02 9.43 -13.34
CA LYS A 20 7.45 9.46 -13.64
C LYS A 20 7.85 8.25 -14.51
N ALA A 21 6.98 7.83 -15.43
CA ALA A 21 7.23 6.62 -16.19
C ALA A 21 8.05 6.82 -17.49
N GLU A 22 8.19 8.06 -17.97
CA GLU A 22 8.97 8.32 -19.18
C GLU A 22 10.46 8.04 -18.89
N HIS A 23 11.13 7.25 -19.70
CA HIS A 23 12.57 6.94 -19.40
C HIS A 23 12.75 6.16 -18.13
N ASN A 24 11.68 5.50 -17.69
CA ASN A 24 11.78 4.55 -16.60
C ASN A 24 11.35 3.18 -17.13
N ALA A 25 12.26 2.55 -17.87
CA ALA A 25 12.00 1.24 -18.44
C ALA A 25 11.68 0.15 -17.40
N PRO A 26 12.39 0.14 -16.24
CA PRO A 26 11.99 -0.85 -15.24
C PRO A 26 10.51 -0.70 -14.86
N LEU A 27 10.05 0.53 -14.61
CA LEU A 27 8.63 0.75 -14.31
C LEU A 27 7.70 0.36 -15.46
N GLN A 28 8.07 0.69 -16.68
CA GLN A 28 7.23 0.33 -17.80
C GLN A 28 7.10 -1.18 -17.94
N ALA A 29 8.19 -1.91 -17.68
CA ALA A 29 8.16 -3.38 -17.82
C ALA A 29 7.31 -3.99 -16.72
N LYS A 30 7.40 -3.43 -15.51
CA LYS A 30 6.52 -3.90 -14.42
C LYS A 30 5.08 -3.67 -14.81
N ALA A 31 4.80 -2.47 -15.30
CA ALA A 31 3.41 -2.13 -15.66
C ALA A 31 2.86 -3.10 -16.73
N ARG A 32 3.74 -3.48 -17.64
CA ARG A 32 3.42 -4.37 -18.73
C ARG A 32 3.04 -5.76 -18.23
N VAL A 33 3.80 -6.29 -17.27
CA VAL A 33 3.50 -7.58 -16.69
C VAL A 33 2.18 -7.54 -15.92
N ALA A 34 2.02 -6.51 -15.09
CA ALA A 34 0.79 -6.37 -14.33
C ALA A 34 -0.43 -6.30 -15.22
N LEU A 35 -0.44 -5.35 -16.15
CA LEU A 35 -1.63 -5.10 -16.95
C LEU A 35 -1.94 -6.20 -17.98
N SER A 36 -0.93 -6.83 -18.56
CA SER A 36 -1.26 -7.97 -19.46
C SER A 36 -1.83 -9.18 -18.71
N SER A 37 -1.28 -9.50 -17.53
CA SER A 37 -1.81 -10.63 -16.73
C SER A 37 -3.21 -10.33 -16.24
N LEU A 38 -3.40 -9.10 -15.77
CA LEU A 38 -4.69 -8.66 -15.33
C LEU A 38 -5.70 -8.88 -16.46
N LEU A 39 -5.41 -8.32 -17.63
CA LEU A 39 -6.35 -8.32 -18.74
C LEU A 39 -6.54 -9.72 -19.35
N ARG A 40 -5.45 -10.47 -19.54
CA ARG A 40 -5.54 -11.84 -20.06
C ARG A 40 -6.45 -12.74 -19.22
N LEU A 41 -6.38 -12.59 -17.89
CA LEU A 41 -7.14 -13.44 -16.98
C LEU A 41 -8.49 -12.91 -16.49
N ALA A 42 -8.84 -11.68 -16.83
CA ALA A 42 -10.09 -11.08 -16.36
C ALA A 42 -11.30 -11.60 -17.14
N LYS A 43 -12.40 -11.85 -16.44
CA LYS A 43 -13.69 -12.17 -17.08
C LYS A 43 -14.80 -11.46 -16.34
N PHE A 44 -15.63 -10.76 -17.09
CA PHE A 44 -16.79 -10.05 -16.56
C PHE A 44 -18.03 -10.33 -17.41
N GLU A 45 -19.19 -10.43 -16.76
CA GLU A 45 -20.47 -10.59 -17.45
C GLU A 45 -20.76 -9.41 -18.40
N ALA A 46 -21.71 -9.62 -19.31
CA ALA A 46 -21.94 -8.73 -20.45
C ALA A 46 -22.29 -7.28 -20.11
N HIS A 47 -23.05 -7.09 -19.04
CA HIS A 47 -23.49 -5.77 -18.63
C HIS A 47 -22.45 -5.03 -17.78
N GLU A 48 -21.39 -5.75 -17.41
CA GLU A 48 -20.33 -5.20 -16.54
C GLU A 48 -19.25 -4.44 -17.29
N VAL A 49 -18.69 -3.43 -16.64
CA VAL A 49 -17.56 -2.71 -17.23
C VAL A 49 -16.43 -2.52 -16.21
N LEU A 50 -15.22 -2.82 -16.66
CA LEU A 50 -14.02 -2.61 -15.85
C LEU A 50 -13.43 -1.23 -16.12
N ASN A 51 -13.42 -0.40 -15.09
CA ASN A 51 -12.86 0.95 -15.19
C ASN A 51 -11.44 1.00 -14.62
N LEU A 52 -10.47 1.29 -15.48
CA LEU A 52 -9.07 1.35 -15.07
C LEU A 52 -8.70 2.82 -14.89
N HIS A 53 -8.54 3.22 -13.63
CA HIS A 53 -8.12 4.57 -13.30
C HIS A 53 -6.62 4.63 -13.15
N PHE A 54 -5.97 5.59 -13.81
CA PHE A 54 -4.51 5.79 -13.66
C PHE A 54 -4.22 7.18 -13.13
N VAL A 55 -3.36 7.26 -12.11
CA VAL A 55 -2.94 8.55 -11.61
C VAL A 55 -1.54 8.82 -12.18
N SER A 56 -1.44 9.88 -13.01
CA SER A 56 -0.29 10.11 -13.87
C SER A 56 -0.12 11.61 -14.17
N GLU A 57 1.12 12.07 -14.27
CA GLU A 57 1.34 13.37 -14.90
C GLU A 57 1.24 13.19 -16.42
N GLU A 58 1.29 14.28 -17.19
CA GLU A 58 0.98 14.11 -18.62
C GLU A 58 1.93 13.19 -19.40
N ALA A 59 3.23 13.23 -19.15
CA ALA A 59 4.12 12.33 -19.89
C ALA A 59 3.77 10.85 -19.64
N SER A 60 3.54 10.45 -18.38
CA SER A 60 3.17 9.06 -18.07
C SER A 60 1.80 8.67 -18.58
N ARG A 61 0.89 9.63 -18.73
CA ARG A 61 -0.40 9.33 -19.36
C ARG A 61 -0.18 8.82 -20.79
N GLU A 62 0.71 9.50 -21.51
CA GLU A 62 1.07 9.13 -22.89
C GLU A 62 1.69 7.74 -22.94
N VAL A 63 2.65 7.48 -22.06
CA VAL A 63 3.23 6.14 -21.96
C VAL A 63 2.16 5.09 -21.72
N ALA A 64 1.25 5.35 -20.78
CA ALA A 64 0.24 4.35 -20.42
C ALA A 64 -0.71 4.09 -21.59
N LYS A 65 -1.04 5.16 -22.33
CA LYS A 65 -1.95 5.02 -23.48
C LYS A 65 -1.31 4.12 -24.54
N ALA A 66 -0.01 4.29 -24.78
CA ALA A 66 0.70 3.43 -25.73
C ALA A 66 0.70 1.97 -25.29
N LEU A 67 1.00 1.73 -24.01
CA LEU A 67 0.91 0.38 -23.48
C LEU A 67 -0.52 -0.21 -23.57
N LEU A 68 -1.50 0.57 -23.13
CA LEU A 68 -2.88 0.12 -23.14
C LEU A 68 -3.41 -0.25 -24.53
N ARG A 69 -3.06 0.52 -25.56
CA ARG A 69 -3.60 0.21 -26.89
C ARG A 69 -3.14 -1.17 -27.37
N GLU A 70 -1.89 -1.51 -27.08
CA GLU A 70 -1.37 -2.83 -27.31
C GLU A 70 -2.11 -3.95 -26.55
N LEU A 71 -2.78 -3.64 -25.43
CA LEU A 71 -3.45 -4.69 -24.60
C LEU A 71 -4.98 -4.72 -24.64
N LEU A 72 -5.57 -3.70 -25.25
CA LEU A 72 -7.00 -3.57 -25.34
C LEU A 72 -7.43 -3.58 -26.82
N PRO A 73 -8.62 -4.15 -27.13
CA PRO A 73 -9.57 -4.70 -26.17
C PRO A 73 -9.06 -6.03 -25.61
N PRO A 74 -9.58 -6.44 -24.44
CA PRO A 74 -9.08 -7.66 -23.81
C PRO A 74 -9.54 -8.91 -24.57
N ALA A 75 -8.71 -9.95 -24.51
CA ALA A 75 -9.04 -11.27 -25.05
C ALA A 75 -10.50 -11.61 -24.77
N ALA A 76 -10.87 -11.60 -23.50
CA ALA A 76 -12.22 -11.99 -23.07
C ALA A 76 -13.38 -11.12 -23.60
N GLY A 77 -13.08 -10.05 -24.33
CA GLY A 77 -14.10 -9.24 -25.01
C GLY A 77 -15.11 -8.43 -24.17
N PHE A 78 -14.87 -8.31 -22.86
CA PHE A 78 -15.72 -7.49 -21.96
C PHE A 78 -15.48 -5.99 -22.15
N LYS A 79 -16.39 -5.16 -21.65
CA LYS A 79 -16.25 -3.71 -21.75
C LYS A 79 -15.21 -3.19 -20.76
N CYS A 80 -14.29 -2.35 -21.25
CA CYS A 80 -13.24 -1.76 -20.43
C CYS A 80 -13.14 -0.25 -20.69
N LYS A 81 -13.12 0.56 -19.63
CA LYS A 81 -12.95 2.01 -19.79
C LYS A 81 -11.70 2.52 -19.05
N VAL A 82 -10.89 3.34 -19.72
CA VAL A 82 -9.66 3.89 -19.14
C VAL A 82 -9.88 5.35 -18.69
N ILE A 83 -9.46 5.67 -17.46
CA ILE A 83 -9.59 7.02 -16.94
C ILE A 83 -8.26 7.53 -16.36
N PHE A 84 -7.87 8.77 -16.71
CA PHE A 84 -6.68 9.35 -16.10
C PHE A 84 -7.05 10.45 -15.14
N HIS A 85 -6.31 10.53 -14.03
CA HIS A 85 -6.43 11.55 -13.01
C HIS A 85 -5.08 12.24 -12.90
N ASP A 86 -5.11 13.56 -12.93
CA ASP A 86 -3.88 14.36 -12.90
C ASP A 86 -3.27 14.31 -11.50
N VAL A 87 -2.03 13.84 -11.39
CA VAL A 87 -1.36 13.81 -10.07
C VAL A 87 -1.29 15.20 -9.38
N ALA A 88 -1.13 16.27 -10.16
CA ALA A 88 -1.10 17.64 -9.64
C ALA A 88 -2.45 18.03 -9.05
N VAL A 89 -3.54 17.74 -9.75
CA VAL A 89 -4.89 18.03 -9.20
C VAL A 89 -5.22 17.24 -7.91
N LEU A 90 -4.86 15.95 -7.90
CA LEU A 90 -5.07 15.12 -6.76
C LEU A 90 -4.20 15.60 -5.60
N THR A 91 -2.97 15.97 -5.89
CA THR A 91 -2.09 16.41 -4.80
C THR A 91 -2.74 17.61 -4.07
N ASP A 92 -3.29 18.57 -4.82
CA ASP A 92 -3.88 19.77 -4.18
C ASP A 92 -5.14 19.44 -3.39
N LYS A 93 -5.99 18.57 -3.93
CA LYS A 93 -7.17 18.06 -3.17
C LYS A 93 -6.77 17.27 -1.91
N LEU A 94 -5.71 16.48 -1.98
CA LEU A 94 -5.30 15.71 -0.80
C LEU A 94 -4.69 16.54 0.31
N PHE A 95 -3.91 17.54 -0.06
CA PHE A 95 -3.08 18.23 0.90
C PHE A 95 -3.77 18.70 2.19
N PRO A 96 -4.94 19.36 2.12
CA PRO A 96 -5.59 19.77 3.37
C PRO A 96 -5.87 18.59 4.33
N VAL A 97 -6.31 17.47 3.78
CA VAL A 97 -6.65 16.30 4.59
C VAL A 97 -5.38 15.65 5.13
N VAL A 98 -4.35 15.60 4.30
CA VAL A 98 -3.24 14.70 4.49
C VAL A 98 -1.98 15.36 5.10
N GLU A 99 -1.95 16.70 5.11
CA GLU A 99 -0.77 17.48 5.54
C GLU A 99 -0.19 17.07 6.88
N ALA A 100 -1.06 16.96 7.89
CA ALA A 100 -0.63 16.67 9.27
C ALA A 100 -0.02 15.29 9.45
N MET A 101 -0.39 14.33 8.60
CA MET A 101 0.24 13.03 8.69
C MET A 101 1.60 12.93 8.00
N GLN A 102 1.85 13.78 7.00
CA GLN A 102 3.09 13.70 6.24
C GLN A 102 4.36 13.66 7.04
N LYS A 103 4.45 14.48 8.08
CA LYS A 103 5.68 14.50 8.87
C LYS A 103 6.02 13.16 9.56
N TYR A 104 5.00 12.35 9.82
CA TYR A 104 5.21 11.02 10.45
C TYR A 104 5.52 9.88 9.48
N PHE A 105 5.07 10.00 8.23
CA PHE A 105 5.04 8.87 7.29
C PHE A 105 5.73 9.12 5.94
N SER A 106 6.41 10.24 5.79
CA SER A 106 7.10 10.54 4.54
C SER A 106 8.62 10.56 4.74
N ALA A 107 9.38 10.23 3.69
CA ALA A 107 10.84 10.46 3.68
C ALA A 107 11.17 11.96 3.57
N GLY A 108 11.81 12.58 4.57
CA GLY A 108 11.94 12.13 5.95
C GLY A 108 11.20 13.18 6.78
N SER A 109 11.63 14.44 6.66
CA SER A 109 10.82 15.59 7.08
C SER A 109 11.15 16.89 6.29
N GLY A 110 10.23 17.85 6.25
CA GLY A 110 8.91 17.73 6.83
C GLY A 110 7.81 17.44 5.82
N THR A 111 7.10 18.48 5.41
CA THR A 111 5.85 18.34 4.70
C THR A 111 5.99 18.92 3.30
N TYR A 112 6.22 18.05 2.30
CA TYR A 112 6.43 18.41 0.90
C TYR A 112 5.26 17.99 0.00
N TYR A 113 4.94 18.80 -0.99
CA TYR A 113 3.84 18.43 -1.89
C TYR A 113 4.13 17.10 -2.56
N SER A 114 5.38 16.89 -2.95
CA SER A 114 5.81 15.70 -3.67
C SER A 114 5.49 14.39 -2.93
N ASP A 115 5.33 14.45 -1.61
CA ASP A 115 4.96 13.26 -0.82
C ASP A 115 3.43 13.05 -0.66
N SER A 116 2.63 14.08 -0.94
CA SER A 116 1.20 14.02 -0.64
C SER A 116 0.48 12.89 -1.38
N ILE A 117 0.91 12.62 -2.60
CA ILE A 117 0.23 11.65 -3.43
C ILE A 117 0.36 10.23 -2.85
N PHE A 118 1.37 10.01 -2.00
CA PHE A 118 1.54 8.67 -1.40
C PHE A 118 0.50 8.42 -0.32
N PHE A 119 -0.35 9.40 -0.02
CA PHE A 119 -1.42 9.20 0.94
C PHE A 119 -2.78 9.14 0.28
N LEU A 120 -2.80 9.05 -1.05
CA LEU A 120 -4.04 9.09 -1.82
C LEU A 120 -5.12 8.15 -1.26
N SER A 121 -4.75 6.91 -0.92
CA SER A 121 -5.77 5.93 -0.51
C SER A 121 -6.47 6.37 0.76
N VAL A 122 -5.75 7.06 1.65
CA VAL A 122 -6.32 7.39 2.96
C VAL A 122 -7.48 8.39 2.79
N ALA A 123 -7.42 9.24 1.77
CA ALA A 123 -8.51 10.17 1.53
C ALA A 123 -9.23 9.91 0.21
N MET A 124 -9.16 8.68 -0.30
CA MET A 124 -9.72 8.37 -1.62
C MET A 124 -11.24 8.68 -1.68
N HIS A 125 -11.89 8.55 -0.54
CA HIS A 125 -13.34 8.71 -0.45
C HIS A 125 -13.73 10.16 -0.59
N GLN A 126 -12.75 11.06 -0.41
CA GLN A 126 -12.98 12.49 -0.59
C GLN A 126 -12.52 12.95 -1.98
N ILE A 127 -11.77 12.10 -2.67
CA ILE A 127 -11.21 12.44 -3.97
C ILE A 127 -12.08 11.91 -5.13
N MET A 128 -12.49 10.65 -5.05
CA MET A 128 -13.33 10.06 -6.07
C MET A 128 -14.77 10.60 -5.93
N PRO A 129 -15.46 10.79 -7.05
CA PRO A 129 -16.86 11.22 -7.01
C PRO A 129 -17.72 10.25 -6.25
N LYS A 130 -18.82 10.75 -5.70
CA LYS A 130 -19.74 9.93 -4.92
C LYS A 130 -20.33 8.77 -5.70
N GLU A 131 -20.35 8.85 -7.03
CA GLU A 131 -20.91 7.75 -7.82
C GLU A 131 -20.05 6.50 -7.76
N ILE A 132 -18.80 6.64 -7.31
CA ILE A 132 -17.95 5.47 -7.08
C ILE A 132 -18.07 5.01 -5.61
N PRO A 133 -18.69 3.85 -5.38
CA PRO A 133 -18.84 3.41 -3.99
C PRO A 133 -17.65 2.62 -3.43
N ARG A 134 -16.85 2.03 -4.33
CA ARG A 134 -15.79 1.09 -3.96
C ARG A 134 -14.75 1.18 -5.03
N ILE A 135 -13.50 0.96 -4.66
CA ILE A 135 -12.40 0.96 -5.62
C ILE A 135 -11.27 0.07 -5.11
N ILE A 136 -10.59 -0.61 -6.02
CA ILE A 136 -9.42 -1.42 -5.60
C ILE A 136 -8.15 -0.74 -6.07
N GLN A 137 -7.29 -0.35 -5.14
CA GLN A 137 -6.04 0.29 -5.54
C GLN A 137 -4.95 -0.76 -5.60
N LEU A 138 -4.18 -0.77 -6.69
CA LEU A 138 -3.20 -1.82 -6.93
C LEU A 138 -1.87 -1.24 -7.39
N ASP A 139 -0.77 -1.76 -6.81
CA ASP A 139 0.58 -1.50 -7.35
C ASP A 139 0.74 -2.02 -8.78
N LEU A 140 1.78 -1.53 -9.47
CA LEU A 140 2.03 -1.97 -10.84
C LEU A 140 3.15 -3.04 -10.93
N ASP A 141 3.64 -3.47 -9.78
CA ASP A 141 4.69 -4.51 -9.71
C ASP A 141 4.07 -5.85 -9.24
N LEU A 142 2.87 -6.11 -9.75
CA LEU A 142 2.07 -7.29 -9.46
C LEU A 142 2.03 -8.22 -10.68
N LYS A 143 1.67 -9.46 -10.44
CA LYS A 143 1.36 -10.38 -11.51
C LYS A 143 0.10 -11.09 -11.05
N TYR A 144 -0.94 -10.99 -11.86
CA TYR A 144 -2.23 -11.56 -11.52
C TYR A 144 -2.28 -13.04 -11.96
N LYS A 145 -2.63 -13.93 -11.03
CA LYS A 145 -2.80 -15.37 -11.32
C LYS A 145 -4.26 -15.82 -11.28
N THR A 146 -5.19 -14.87 -11.29
CA THR A 146 -6.61 -15.19 -11.28
C THR A 146 -7.46 -14.05 -11.86
N ASN A 147 -8.76 -14.28 -11.98
CA ASN A 147 -9.67 -13.26 -12.44
C ASN A 147 -9.90 -12.19 -11.37
N ILE A 148 -9.44 -10.97 -11.66
CA ILE A 148 -9.57 -9.85 -10.69
C ILE A 148 -11.01 -9.67 -10.20
N ARG A 149 -12.00 -10.00 -11.03
CA ARG A 149 -13.43 -10.02 -10.58
C ARG A 149 -13.63 -10.73 -9.24
N GLU A 150 -12.83 -11.76 -8.98
CA GLU A 150 -12.93 -12.54 -7.71
C GLU A 150 -12.52 -11.74 -6.48
N LEU A 151 -11.60 -10.79 -6.65
CA LEU A 151 -11.21 -9.94 -5.52
C LEU A 151 -12.43 -9.13 -4.97
N PHE A 152 -13.30 -8.68 -5.85
CA PHE A 152 -14.46 -7.89 -5.47
C PHE A 152 -15.42 -8.57 -4.52
N GLU A 153 -15.49 -9.91 -4.54
CA GLU A 153 -16.36 -10.57 -3.57
C GLU A 153 -15.88 -10.43 -2.13
N GLU A 154 -14.59 -10.13 -1.92
CA GLU A 154 -14.08 -9.86 -0.55
C GLU A 154 -14.72 -8.64 0.11
N PHE A 155 -15.28 -7.72 -0.67
CA PHE A 155 -16.04 -6.61 -0.11
C PHE A 155 -17.20 -7.16 0.75
N ASP A 156 -17.76 -8.29 0.31
CA ASP A 156 -18.88 -8.94 0.99
C ASP A 156 -18.52 -9.45 2.38
N ASN A 157 -17.24 -9.72 2.61
CA ASN A 157 -16.77 -10.24 3.90
C ASN A 157 -16.35 -9.18 4.93
N PHE A 158 -16.56 -7.90 4.63
CA PHE A 158 -16.31 -6.83 5.60
C PHE A 158 -17.29 -6.96 6.78
N LEU A 159 -16.77 -7.04 8.00
CA LEU A 159 -17.63 -7.01 9.18
C LEU A 159 -18.13 -5.57 9.43
N PRO A 160 -19.20 -5.40 10.24
CA PRO A 160 -19.69 -4.05 10.47
C PRO A 160 -18.54 -3.19 11.00
N GLY A 161 -18.43 -1.95 10.53
CA GLY A 161 -17.34 -1.09 11.02
C GLY A 161 -16.04 -1.13 10.23
N ALA A 162 -15.81 -2.19 9.46
CA ALA A 162 -14.62 -2.27 8.59
C ALA A 162 -14.76 -1.38 7.36
N VAL A 163 -13.70 -0.65 7.03
CA VAL A 163 -13.78 0.29 5.90
C VAL A 163 -12.86 -0.05 4.73
N ILE A 164 -11.79 -0.81 5.03
CA ILE A 164 -10.70 -1.13 4.11
C ILE A 164 -10.33 -2.61 4.21
N GLY A 165 -10.09 -3.25 3.05
CA GLY A 165 -9.53 -4.61 3.00
C GLY A 165 -8.09 -4.56 2.54
N ILE A 166 -7.22 -5.22 3.29
CA ILE A 166 -5.78 -5.07 3.12
C ILE A 166 -5.12 -6.35 3.64
N ALA A 167 -4.03 -6.76 3.00
CA ALA A 167 -3.25 -7.95 3.44
C ALA A 167 -2.14 -7.55 4.39
N ARG A 168 -1.68 -8.47 5.23
CA ARG A 168 -0.57 -8.18 6.12
C ARG A 168 0.75 -7.96 5.40
N GLU A 169 1.63 -7.20 6.05
CA GLU A 169 2.98 -7.02 5.59
C GLU A 169 3.76 -8.31 5.92
N MET A 170 4.47 -8.82 4.92
CA MET A 170 5.12 -10.15 5.01
C MET A 170 6.62 -10.07 5.32
N GLN A 171 7.09 -8.89 5.72
CA GLN A 171 8.41 -8.73 6.33
C GLN A 171 8.28 -8.08 7.71
N PRO A 172 9.33 -8.23 8.54
CA PRO A 172 9.32 -7.63 9.87
C PRO A 172 9.62 -6.13 9.90
N VAL A 173 9.31 -5.38 8.84
CA VAL A 173 9.57 -3.91 8.81
C VAL A 173 8.91 -3.19 9.98
N TYR A 174 7.70 -3.62 10.35
CA TYR A 174 6.99 -2.98 11.49
C TYR A 174 7.46 -3.45 12.86
N ARG A 175 8.02 -4.66 12.90
CA ARG A 175 8.73 -5.08 14.11
C ARG A 175 9.87 -4.10 14.38
N HIS A 176 10.60 -3.74 13.32
CA HIS A 176 11.67 -2.73 13.41
C HIS A 176 11.18 -1.31 13.75
N THR A 177 10.20 -0.82 12.97
CA THR A 177 9.57 0.50 13.19
C THR A 177 8.97 0.70 14.58
N PHE A 178 8.36 -0.35 15.15
CA PHE A 178 7.70 -0.19 16.46
C PHE A 178 8.61 -0.51 17.63
N TRP A 179 9.91 -0.52 17.38
CA TRP A 179 10.89 -0.97 18.38
C TRP A 179 10.71 -0.35 19.75
N GLN A 180 10.63 0.97 19.82
CA GLN A 180 10.49 1.62 21.11
C GLN A 180 9.18 1.27 21.80
N PHE A 181 8.07 1.34 21.07
CA PHE A 181 6.79 0.92 21.65
C PHE A 181 6.88 -0.54 22.14
N ARG A 182 7.57 -1.40 21.38
CA ARG A 182 7.70 -2.79 21.82
C ARG A 182 8.58 -2.91 23.08
N HIS A 183 9.64 -2.08 23.12
CA HIS A 183 10.54 -1.97 24.28
C HIS A 183 9.79 -1.60 25.54
N GLU A 184 8.95 -0.57 25.43
CA GLU A 184 8.18 -0.06 26.57
C GLU A 184 6.98 -0.96 26.89
N ASN A 185 6.61 -1.85 25.97
CA ASN A 185 5.48 -2.74 26.17
C ASN A 185 5.83 -4.17 25.76
N PRO A 186 6.66 -4.85 26.57
CA PRO A 186 7.17 -6.20 26.26
C PRO A 186 6.11 -7.20 25.81
N LYS A 187 4.91 -7.09 26.36
CA LYS A 187 3.85 -8.06 26.11
C LYS A 187 3.00 -7.73 24.87
N THR A 188 3.39 -6.73 24.08
CA THR A 188 2.55 -6.27 22.96
C THR A 188 2.54 -7.22 21.76
N ARG A 189 1.39 -7.29 21.08
CA ARG A 189 1.27 -8.01 19.81
C ARG A 189 1.69 -7.11 18.62
N VAL A 190 1.82 -5.82 18.89
CA VAL A 190 2.18 -4.80 17.89
C VAL A 190 3.53 -5.11 17.25
N GLY A 191 3.52 -5.47 15.96
CA GLY A 191 4.77 -5.74 15.26
C GLY A 191 5.20 -7.19 15.27
N ASP A 192 4.53 -8.03 16.06
CA ASP A 192 4.73 -9.48 16.04
C ASP A 192 4.20 -10.11 14.76
N PRO A 193 4.74 -11.31 14.40
CA PRO A 193 4.29 -12.06 13.24
C PRO A 193 2.89 -12.68 13.47
N PRO A 194 2.20 -13.06 12.37
CA PRO A 194 0.97 -13.82 12.54
C PRO A 194 1.34 -15.23 13.03
N PRO A 195 0.34 -16.07 13.40
CA PRO A 195 -1.09 -15.82 13.25
C PRO A 195 -1.70 -14.93 14.32
N GLU A 196 -1.01 -14.74 15.44
CA GLU A 196 -1.55 -13.91 16.55
C GLU A 196 -0.92 -12.51 16.72
N GLY A 197 0.16 -12.22 16.01
CA GLY A 197 0.77 -10.89 16.12
C GLY A 197 0.11 -9.92 15.15
N LEU A 198 0.38 -8.63 15.33
CA LEU A 198 -0.06 -7.60 14.38
C LEU A 198 1.16 -7.09 13.58
N PRO A 199 1.44 -7.72 12.44
CA PRO A 199 2.70 -7.38 11.78
C PRO A 199 2.61 -6.10 10.90
N GLY A 200 1.43 -5.48 10.88
CA GLY A 200 1.21 -4.31 10.03
C GLY A 200 0.70 -4.70 8.65
N PHE A 201 0.59 -3.71 7.75
CA PHE A 201 -0.06 -3.93 6.47
C PHE A 201 0.86 -3.63 5.27
N ASN A 202 0.55 -4.21 4.11
CA ASN A 202 1.21 -3.86 2.85
C ASN A 202 0.20 -3.19 1.93
N SER A 203 0.57 -2.05 1.33
CA SER A 203 -0.40 -1.30 0.52
C SER A 203 -0.51 -1.69 -0.98
N GLY A 204 0.13 -2.80 -1.40
CA GLY A 204 0.13 -3.17 -2.84
C GLY A 204 -1.23 -3.51 -3.40
N VAL A 205 -2.16 -3.96 -2.53
CA VAL A 205 -3.54 -4.34 -2.89
C VAL A 205 -4.52 -3.88 -1.79
N MET A 206 -5.41 -2.95 -2.10
CA MET A 206 -6.28 -2.38 -1.07
C MET A 206 -7.69 -2.27 -1.60
N LEU A 207 -8.63 -2.77 -0.81
CA LEU A 207 -10.07 -2.66 -1.11
C LEU A 207 -10.58 -1.47 -0.33
N LEU A 208 -10.77 -0.38 -1.04
CA LEU A 208 -11.20 0.87 -0.44
C LEU A 208 -12.70 0.94 -0.60
N ASN A 209 -13.41 0.69 0.49
CA ASN A 209 -14.87 0.86 0.46
C ASN A 209 -15.14 2.34 0.74
N LEU A 210 -15.33 3.12 -0.32
CA LEU A 210 -15.45 4.59 -0.22
C LEU A 210 -16.68 5.01 0.58
N GLU A 211 -17.77 4.28 0.39
CA GLU A 211 -18.98 4.51 1.18
C GLU A 211 -18.81 4.30 2.68
N ALA A 212 -18.22 3.18 3.04
CA ALA A 212 -17.96 2.84 4.41
C ALA A 212 -16.95 3.81 5.03
N MET A 213 -15.94 4.21 4.26
CA MET A 213 -14.98 5.22 4.73
C MET A 213 -15.70 6.51 5.01
N ARG A 214 -16.54 6.96 4.06
CA ARG A 214 -17.29 8.24 4.19
C ARG A 214 -18.21 8.15 5.41
N GLN A 215 -18.82 7.00 5.60
CA GLN A 215 -19.88 6.80 6.59
C GLN A 215 -19.41 6.43 8.01
N SER A 216 -18.10 6.23 8.19
CA SER A 216 -17.51 5.90 9.51
C SER A 216 -17.05 7.11 10.31
N PRO A 217 -17.72 7.36 11.47
CA PRO A 217 -17.29 8.40 12.42
C PRO A 217 -15.87 8.17 12.93
N LEU A 218 -15.57 6.93 13.26
CA LEU A 218 -14.23 6.54 13.72
C LEU A 218 -13.16 6.90 12.63
N TYR A 219 -13.38 6.43 11.41
CA TYR A 219 -12.39 6.64 10.34
C TYR A 219 -12.17 8.15 10.11
N SER A 220 -13.25 8.91 10.00
CA SER A 220 -13.18 10.37 9.87
C SER A 220 -12.39 11.06 10.99
N HIS A 221 -12.57 10.61 12.23
CA HIS A 221 -11.84 11.16 13.36
C HIS A 221 -10.36 10.91 13.26
N LEU A 222 -10.00 9.70 12.85
CA LEU A 222 -8.56 9.33 12.77
C LEU A 222 -7.77 10.17 11.76
N LEU A 223 -8.48 10.75 10.79
CA LEU A 223 -7.90 11.67 9.80
C LEU A 223 -7.60 13.04 10.36
N GLU A 224 -8.24 13.40 11.47
CA GLU A 224 -8.00 14.69 12.12
C GLU A 224 -6.54 14.86 12.63
N PRO A 225 -5.94 16.05 12.39
CA PRO A 225 -4.56 16.31 12.80
C PRO A 225 -4.25 15.90 14.23
N SER A 226 -5.15 16.18 15.18
CA SER A 226 -4.82 15.87 16.58
C SER A 226 -4.85 14.36 16.90
N TRP A 227 -5.70 13.61 16.19
CA TRP A 227 -5.69 12.13 16.34
C TRP A 227 -4.47 11.50 15.75
N VAL A 228 -4.10 11.96 14.55
CA VAL A 228 -2.87 11.50 13.91
C VAL A 228 -1.66 11.73 14.85
N GLN A 229 -1.55 12.94 15.37
CA GLN A 229 -0.48 13.27 16.30
C GLN A 229 -0.50 12.47 17.61
N GLN A 230 -1.68 12.22 18.18
CA GLN A 230 -1.75 11.49 19.45
C GLN A 230 -1.27 10.05 19.27
N LEU A 231 -1.69 9.43 18.17
CA LEU A 231 -1.30 8.05 17.92
C LEU A 231 0.15 7.89 17.54
N ALA A 232 0.67 8.82 16.71
CA ALA A 232 2.08 8.77 16.32
C ALA A 232 2.97 8.90 17.56
N ASP A 233 2.54 9.75 18.51
CA ASP A 233 3.24 9.90 19.80
C ASP A 233 3.16 8.65 20.65
N LYS A 234 1.96 8.09 20.75
CA LYS A 234 1.75 6.91 21.54
C LYS A 234 2.62 5.78 21.01
N TYR A 235 2.69 5.63 19.70
CA TYR A 235 3.47 4.54 19.11
C TYR A 235 4.91 4.87 18.82
N HIS A 236 5.34 6.12 19.07
CA HIS A 236 6.68 6.60 18.70
C HIS A 236 6.98 6.29 17.27
N PHE A 237 6.03 6.58 16.39
CA PHE A 237 6.04 6.03 15.04
C PHE A 237 6.62 7.01 14.05
N ARG A 238 7.55 6.54 13.23
CA ARG A 238 8.12 7.32 12.13
C ARG A 238 8.28 6.36 10.95
N GLY A 239 7.84 6.75 9.77
CA GLY A 239 8.01 5.93 8.59
C GLY A 239 8.27 6.78 7.37
N HIS A 240 8.34 6.14 6.21
CA HIS A 240 8.50 6.82 4.94
C HIS A 240 7.72 6.10 3.88
N LEU A 241 6.82 5.20 4.29
CA LEU A 241 6.02 4.46 3.33
C LEU A 241 4.57 4.94 3.16
N GLY A 242 4.25 6.12 3.70
CA GLY A 242 3.04 6.83 3.29
C GLY A 242 1.76 6.19 3.81
N ASP A 243 0.80 5.96 2.89
CA ASP A 243 -0.47 5.37 3.23
C ASP A 243 -0.29 4.06 3.99
N GLN A 244 0.65 3.23 3.54
CA GLN A 244 0.88 1.94 4.19
C GLN A 244 1.16 2.13 5.69
N ASP A 245 1.98 3.14 6.03
CA ASP A 245 2.32 3.44 7.42
C ASP A 245 1.15 3.93 8.26
N PHE A 246 0.37 4.84 7.71
CA PHE A 246 -0.81 5.35 8.41
C PHE A 246 -1.82 4.23 8.71
N PHE A 247 -2.14 3.38 7.72
CA PHE A 247 -3.11 2.31 7.93
C PHE A 247 -2.55 1.31 8.95
N THR A 248 -1.28 0.95 8.78
CA THR A 248 -0.59 0.11 9.78
C THR A 248 -0.75 0.66 11.19
N MET A 249 -0.46 1.95 11.38
CA MET A 249 -0.58 2.58 12.70
C MET A 249 -2.00 2.55 13.29
N ILE A 250 -2.99 3.03 12.53
CA ILE A 250 -4.37 3.05 13.03
C ILE A 250 -4.94 1.62 13.12
N GLY A 251 -4.32 0.70 12.39
CA GLY A 251 -4.64 -0.73 12.47
C GLY A 251 -4.20 -1.34 13.81
N MET A 252 -3.17 -0.75 14.43
CA MET A 252 -2.74 -1.17 15.78
C MET A 252 -3.78 -0.75 16.83
N GLU A 253 -4.32 0.46 16.69
CA GLU A 253 -5.30 1.04 17.61
C GLU A 253 -6.69 0.49 17.34
N HIS A 254 -7.05 0.40 16.07
CA HIS A 254 -8.39 0.04 15.68
C HIS A 254 -8.44 -1.04 14.63
N PRO A 255 -8.11 -2.28 15.03
CA PRO A 255 -8.15 -3.33 14.00
C PRO A 255 -9.53 -3.61 13.41
N GLU A 256 -10.61 -3.23 14.11
CA GLU A 256 -11.99 -3.32 13.57
C GLU A 256 -12.13 -2.66 12.20
N LEU A 257 -11.30 -1.67 11.89
CA LEU A 257 -11.46 -0.92 10.63
C LEU A 257 -11.11 -1.71 9.36
N PHE A 258 -10.42 -2.82 9.53
CA PHE A 258 -9.76 -3.48 8.42
C PHE A 258 -10.18 -4.92 8.30
N HIS A 259 -10.63 -5.27 7.11
CA HIS A 259 -10.78 -6.65 6.73
C HIS A 259 -9.45 -7.12 6.23
N VAL A 260 -8.84 -8.05 6.96
CA VAL A 260 -7.56 -8.59 6.58
C VAL A 260 -7.71 -9.60 5.44
N LEU A 261 -7.12 -9.29 4.29
CA LEU A 261 -7.12 -10.21 3.16
C LEU A 261 -6.13 -11.36 3.38
N ASP A 262 -6.43 -12.53 2.83
CA ASP A 262 -5.47 -13.60 2.91
C ASP A 262 -4.19 -13.26 2.16
N CYS A 263 -3.05 -13.71 2.67
CA CYS A 263 -1.75 -13.46 2.06
C CYS A 263 -1.67 -13.82 0.57
N THR A 264 -2.50 -14.76 0.09
CA THR A 264 -2.44 -15.17 -1.31
C THR A 264 -2.92 -14.06 -2.28
N TRP A 265 -3.61 -13.05 -1.74
CA TRP A 265 -4.09 -11.91 -2.53
C TRP A 265 -3.07 -10.82 -2.68
N ASN A 266 -1.96 -10.95 -1.98
CA ASN A 266 -0.86 -10.01 -2.09
C ASN A 266 0.41 -10.69 -1.62
N ARG A 267 0.92 -11.66 -2.40
CA ARG A 267 2.10 -12.43 -1.98
C ARG A 267 3.38 -11.66 -2.26
N GLN A 268 3.87 -10.97 -1.24
CA GLN A 268 5.04 -10.14 -1.37
C GLN A 268 6.35 -10.94 -1.44
N LEU A 269 7.23 -10.57 -2.37
CA LEU A 269 8.45 -11.31 -2.66
C LEU A 269 9.70 -10.70 -2.05
N CYS A 270 9.58 -9.44 -1.64
CA CYS A 270 10.72 -8.69 -1.08
C CYS A 270 11.29 -9.33 0.18
N THR A 271 12.62 -9.45 0.23
CA THR A 271 13.29 -10.02 1.41
C THR A 271 14.35 -9.08 1.99
N TRP A 272 14.28 -7.80 1.62
CA TRP A 272 15.29 -6.83 2.06
C TRP A 272 15.53 -6.90 3.55
N TRP A 273 14.44 -6.98 4.34
CA TRP A 273 14.58 -7.00 5.80
C TRP A 273 15.23 -8.26 6.37
N ARG A 274 15.19 -9.36 5.64
CA ARG A 274 15.85 -10.61 6.07
C ARG A 274 17.33 -10.34 6.35
N ASP A 275 17.95 -9.60 5.44
CA ASP A 275 19.39 -9.36 5.47
C ASP A 275 19.76 -8.09 6.22
N HIS A 276 18.82 -7.54 6.98
CA HIS A 276 19.14 -6.32 7.73
C HIS A 276 18.76 -6.42 9.15
N GLY A 277 18.97 -7.61 9.71
CA GLY A 277 18.88 -7.77 11.15
C GLY A 277 17.79 -8.71 11.61
N TYR A 278 17.09 -9.34 10.67
CA TYR A 278 15.90 -10.11 11.04
C TYR A 278 15.88 -11.56 10.55
N SER A 279 17.08 -12.08 10.27
CA SER A 279 17.28 -13.49 9.90
C SER A 279 16.44 -14.47 10.72
N ASP A 280 16.51 -14.36 12.04
CA ASP A 280 15.86 -15.33 12.96
C ASP A 280 14.36 -15.41 12.73
N VAL A 281 13.71 -14.26 12.78
CA VAL A 281 12.25 -14.20 12.81
C VAL A 281 11.64 -14.09 11.41
N PHE A 282 12.48 -13.85 10.41
CA PHE A 282 12.00 -13.46 9.09
C PHE A 282 10.96 -14.40 8.52
N GLN A 283 11.23 -15.69 8.62
CA GLN A 283 10.37 -16.76 8.17
C GLN A 283 8.93 -16.70 8.70
N ALA A 284 8.77 -16.35 9.96
CA ALA A 284 7.43 -16.30 10.57
C ALA A 284 6.54 -15.20 9.96
N TYR A 285 7.17 -14.10 9.54
CA TYR A 285 6.46 -13.03 8.81
C TYR A 285 6.18 -13.41 7.37
N PHE A 286 7.12 -14.10 6.72
CA PHE A 286 7.13 -14.23 5.26
C PHE A 286 6.36 -15.43 4.71
N ARG A 287 6.06 -16.40 5.59
CA ARG A 287 5.35 -17.61 5.21
C ARG A 287 3.98 -17.31 4.67
N CYS A 288 3.69 -17.77 3.46
CA CYS A 288 2.34 -17.67 2.93
C CYS A 288 2.04 -18.94 2.15
N GLU A 289 0.96 -19.63 2.52
CA GLU A 289 0.60 -20.84 1.82
C GLU A 289 -0.82 -20.84 1.29
N GLY A 290 -1.02 -21.60 0.22
CA GLY A 290 -2.32 -21.67 -0.42
C GLY A 290 -2.09 -21.35 -1.87
N HIS A 291 -3.17 -21.31 -2.64
CA HIS A 291 -3.06 -21.05 -4.06
C HIS A 291 -2.91 -19.55 -4.26
N VAL A 292 -1.78 -19.12 -4.83
CA VAL A 292 -1.51 -17.69 -5.00
C VAL A 292 -2.39 -17.05 -6.08
N LYS A 293 -2.94 -15.87 -5.72
CA LYS A 293 -3.83 -15.13 -6.61
C LYS A 293 -3.11 -13.92 -7.21
N ILE A 294 -2.28 -13.25 -6.41
CA ILE A 294 -1.46 -12.13 -6.88
C ILE A 294 -0.09 -12.23 -6.25
N TYR A 295 0.94 -12.27 -7.10
CA TYR A 295 2.30 -12.04 -6.68
C TYR A 295 2.62 -10.56 -6.69
N HIS A 296 3.43 -10.13 -5.74
CA HIS A 296 3.86 -8.73 -5.61
C HIS A 296 5.35 -8.73 -5.49
N GLY A 297 6.00 -8.32 -6.58
CA GLY A 297 7.46 -8.24 -6.67
C GLY A 297 7.99 -6.95 -6.10
N ASN A 298 7.72 -6.72 -4.80
CA ASN A 298 8.13 -5.46 -4.20
C ASN A 298 9.61 -5.38 -3.99
N CYS A 299 10.08 -4.20 -3.59
CA CYS A 299 11.50 -3.81 -3.65
C CYS A 299 12.23 -4.36 -4.89
N ASN A 300 11.63 -4.16 -6.05
CA ASN A 300 12.22 -4.57 -7.33
C ASN A 300 12.62 -6.04 -7.38
N THR A 301 11.85 -6.91 -6.75
CA THR A 301 12.18 -8.31 -6.71
C THR A 301 11.60 -9.00 -7.92
N PRO A 302 12.47 -9.67 -8.71
CA PRO A 302 11.97 -10.38 -9.88
C PRO A 302 10.83 -11.30 -9.45
N ILE A 303 9.75 -11.32 -10.20
CA ILE A 303 8.67 -12.27 -9.98
C ILE A 303 9.02 -13.56 -10.75
N PRO A 304 8.80 -14.75 -10.14
CA PRO A 304 9.14 -15.98 -10.90
C PRO A 304 8.11 -16.26 -11.98
N GLU A 305 8.28 -17.36 -12.74
CA GLU A 305 7.27 -17.73 -13.72
C GLU A 305 6.91 -19.20 -13.67
N GLN B 8 12.08 8.40 -3.03
CA GLN B 8 11.99 7.73 -1.70
C GLN B 8 13.32 7.86 -0.93
N CYS B 9 13.47 7.09 0.14
CA CYS B 9 14.72 7.06 0.90
C CYS B 9 15.03 5.61 1.26
N GLU B 10 16.27 5.32 1.59
CA GLU B 10 16.61 3.99 2.04
C GLU B 10 16.25 3.83 3.54
N SER B 11 15.65 2.72 3.92
CA SER B 11 15.29 2.57 5.35
C SER B 11 16.49 2.66 6.21
N ASN B 12 16.28 3.32 7.34
CA ASN B 12 17.29 3.46 8.36
C ASN B 12 17.49 2.08 9.00
N PRO B 13 18.69 1.50 8.87
CA PRO B 13 18.91 0.19 9.51
C PRO B 13 19.00 0.30 11.05
N CYS B 14 19.20 1.53 11.56
CA CYS B 14 19.24 1.80 13.01
C CYS B 14 17.85 1.73 13.64
N LEU B 15 17.80 1.33 14.91
CA LEU B 15 16.54 1.18 15.65
C LEU B 15 16.00 2.52 16.15
N ASN B 16 16.90 3.50 16.30
CA ASN B 16 16.55 4.85 16.72
C ASN B 16 16.51 5.86 15.56
N GLY B 17 15.96 7.04 15.85
CA GLY B 17 15.95 8.15 14.89
C GLY B 17 14.89 8.02 13.83
N GLY B 18 15.08 8.73 12.71
CA GLY B 18 14.11 8.74 11.63
C GLY B 18 14.00 7.45 10.84
N SER B 19 13.02 7.41 9.95
CA SER B 19 12.76 6.27 9.08
C SER B 19 13.83 6.10 7.98
N CYS B 20 14.52 7.18 7.62
CA CYS B 20 15.51 7.20 6.54
C CYS B 20 16.92 7.13 7.09
N LYS B 21 17.78 6.36 6.42
CA LYS B 21 19.17 6.27 6.85
C LYS B 21 19.87 7.63 6.69
N ASP B 22 20.84 7.89 7.56
CA ASP B 22 21.53 9.19 7.64
C ASP B 22 20.53 10.34 7.90
N ASP B 23 19.63 10.07 8.84
CA ASP B 23 18.73 11.04 9.42
C ASP B 23 19.58 12.17 10.00
N ILE B 24 19.36 13.40 9.53
CA ILE B 24 20.13 14.56 9.99
C ILE B 24 20.10 14.81 11.52
N ASN B 25 18.98 14.47 12.15
CA ASN B 25 18.81 14.73 13.57
C ASN B 25 19.22 13.55 14.46
N SER B 26 19.78 12.50 13.84
CA SER B 26 20.27 11.31 14.58
C SER B 26 21.79 11.31 14.71
N TYR B 27 22.27 11.07 15.93
CA TYR B 27 23.70 11.00 16.17
C TYR B 27 24.18 9.57 16.44
N GLU B 28 23.43 8.82 17.22
CA GLU B 28 23.75 7.40 17.48
C GLU B 28 23.01 6.45 16.53
N CYS B 29 23.51 5.22 16.44
CA CYS B 29 22.86 4.17 15.65
C CYS B 29 22.81 2.85 16.43
N TRP B 30 21.63 2.49 16.95
CA TRP B 30 21.48 1.19 17.63
C TRP B 30 21.07 0.14 16.64
N CYS B 31 21.94 -0.83 16.45
CA CYS B 31 21.77 -1.85 15.43
C CYS B 31 20.96 -3.02 15.94
N PRO B 32 20.12 -3.62 15.07
CA PRO B 32 19.45 -4.87 15.45
C PRO B 32 20.51 -5.91 15.82
N PHE B 33 20.18 -6.79 16.77
CA PHE B 33 21.17 -7.70 17.34
C PHE B 33 21.93 -8.47 16.25
N GLY B 34 23.26 -8.52 16.39
CA GLY B 34 24.13 -9.28 15.47
C GLY B 34 24.83 -8.47 14.41
N PHE B 35 24.57 -7.15 14.39
CA PHE B 35 25.13 -6.26 13.39
C PHE B 35 25.85 -5.08 14.04
N GLU B 36 26.86 -4.56 13.35
CA GLU B 36 27.71 -3.49 13.86
C GLU B 36 28.05 -2.50 12.75
N GLY B 37 28.51 -1.31 13.14
CA GLY B 37 28.96 -0.28 12.19
C GLY B 37 28.10 0.96 12.26
N LYS B 38 28.44 1.97 11.46
CA LYS B 38 27.60 3.19 11.40
C LYS B 38 26.37 3.00 10.50
N ASN B 39 26.32 1.88 9.79
CA ASN B 39 25.15 1.47 9.01
C ASN B 39 24.73 0.01 9.26
N CYS B 40 25.15 -0.53 10.41
CA CYS B 40 24.89 -1.93 10.80
C CYS B 40 25.33 -2.92 9.70
N GLU B 41 26.52 -2.69 9.15
CA GLU B 41 27.01 -3.44 7.99
C GLU B 41 27.54 -4.83 8.31
N LEU B 42 28.29 -4.97 9.41
CA LEU B 42 28.97 -6.23 9.74
C LEU B 42 28.31 -6.99 10.88
#